data_6MTY
#
_entry.id   6MTY
#
_cell.length_a   60.358
_cell.length_b   67.582
_cell.length_c   138.009
_cell.angle_alpha   90.000
_cell.angle_beta   90.000
_cell.angle_gamma   90.000
#
_symmetry.space_group_name_H-M   'P 21 21 21'
#
loop_
_entity.id
_entity.type
_entity.pdbx_description
1 polymer 'MZ4 Heavy Chain'
2 polymer 'MZ4 Light Chain'
3 water water
#
loop_
_entity_poly.entity_id
_entity_poly.type
_entity_poly.pdbx_seq_one_letter_code
_entity_poly.pdbx_strand_id
1 'polypeptide(L)'
;QVHLQESGPGLVRPSETLSLTCTVSDGSISSYYWSWIRQPPGKGLEWIGSIYYTGSTNYNPSLKSRVTMSVDTSKNQFSL
RLNSVTAADTAMYYCAGLDRYSWNEGGDHWGQGILVSVSSASTKGPSVFPLAPSSKSTSGGTAALGCLVKDYFPEPVTVS
WNSGALTSGVHTFPAVLQSSGLYSLSSVVTVPSSSLGTQTYICNVNHKPSNTKVDKKVEPKSCDK
;
H
2 'polypeptide(L)'
;QPVLTQPPSASGTPGQRVSISCSGSRSNLGKNTVNWYQQLPGTAPKLLIYNHSRRPSGVPERFSGSKSGTSASLAISGLQ
SEDEADYFCAAWDDSLNGLYVFGTGTKVTVLRQPKAAPSVTLFPPSSEELQANKATLVCLISDFYPGAVTVAWKADSSPV
KAGVETTTPSKQSNNKYAASSYLSLTPEQWKSHRSYSCQVTHEGSTVEKTVAPTEC
;
L
#
# COMPACT_ATOMS: atom_id res chain seq x y z
N GLN A 1 -18.67 9.08 26.80
CA GLN A 1 -17.42 8.58 27.34
C GLN A 1 -17.18 7.12 26.92
N VAL A 2 -17.49 6.81 25.66
CA VAL A 2 -17.35 5.47 25.13
C VAL A 2 -15.88 5.18 24.82
N HIS A 3 -15.43 3.96 25.10
CA HIS A 3 -14.02 3.65 24.97
C HIS A 3 -13.81 2.22 24.51
N LEU A 4 -12.97 2.05 23.48
CA LEU A 4 -12.54 0.75 23.00
C LEU A 4 -11.06 0.55 23.34
N GLN A 5 -10.70 -0.65 23.79
CA GLN A 5 -9.30 -0.95 24.07
C GLN A 5 -8.92 -2.26 23.39
N GLU A 6 -7.86 -2.20 22.58
CA GLU A 6 -7.26 -3.41 22.02
C GLU A 6 -6.30 -4.02 23.02
N SER A 7 -6.07 -5.32 22.86
CA SER A 7 -5.11 -6.02 23.70
C SER A 7 -4.73 -7.33 23.03
N GLY A 8 -3.50 -7.76 23.26
CA GLY A 8 -2.97 -8.96 22.66
C GLY A 8 -1.47 -8.85 22.49
N PRO A 9 -0.81 -9.97 22.17
CA PRO A 9 0.64 -9.95 21.97
C PRO A 9 1.00 -9.04 20.81
N GLY A 10 1.79 -8.00 21.09
CA GLY A 10 2.29 -7.15 20.04
C GLY A 10 3.37 -7.77 19.18
N LEU A 11 3.78 -8.99 19.52
CA LEU A 11 4.84 -9.72 18.84
C LEU A 11 4.41 -11.17 18.73
N VAL A 12 4.67 -11.80 17.58
CA VAL A 12 4.18 -13.16 17.31
C VAL A 12 5.08 -13.83 16.28
N ARG A 13 5.02 -15.23 16.22
CA ARG A 13 5.71 -16.22 15.40
C ARG A 13 4.89 -16.58 14.16
N PRO A 14 5.54 -16.90 13.05
CA PRO A 14 4.80 -17.29 11.84
C PRO A 14 4.12 -18.63 12.04
N SER A 15 3.13 -18.89 11.18
CA SER A 15 2.32 -20.12 11.21
C SER A 15 1.62 -20.32 12.54
N GLU A 16 1.66 -19.34 13.43
CA GLU A 16 0.90 -19.34 14.67
C GLU A 16 -0.45 -18.67 14.38
N THR A 17 -1.21 -18.40 15.44
CA THR A 17 -2.45 -17.65 15.32
C THR A 17 -2.27 -16.26 15.92
N LEU A 18 -2.64 -15.24 15.17
CA LEU A 18 -2.59 -13.87 15.66
C LEU A 18 -3.87 -13.58 16.43
N SER A 19 -3.74 -13.37 17.74
CA SER A 19 -4.86 -13.17 18.64
C SER A 19 -4.95 -11.71 19.04
N LEU A 20 -6.17 -11.15 19.00
CA LEU A 20 -6.41 -9.81 19.49
C LEU A 20 -7.83 -9.72 20.04
N THR A 21 -7.97 -9.06 21.19
CA THR A 21 -9.28 -8.78 21.76
C THR A 21 -9.48 -7.28 21.87
N CYS A 22 -10.74 -6.88 21.97
CA CYS A 22 -11.12 -5.48 22.14
C CYS A 22 -12.23 -5.42 23.16
N THR A 23 -11.96 -4.75 24.29
CA THR A 23 -12.94 -4.56 25.34
C THR A 23 -13.66 -3.24 25.11
N VAL A 24 -14.97 -3.28 25.35
CA VAL A 24 -15.87 -2.14 25.12
C VAL A 24 -16.34 -1.65 26.48
N SER A 25 -15.99 -0.41 26.82
CA SER A 25 -16.46 0.21 28.04
C SER A 25 -17.36 1.39 27.71
N ASP A 26 -18.47 1.50 28.44
CA ASP A 26 -19.47 2.56 28.28
C ASP A 26 -20.20 2.44 26.96
N GLY A 27 -20.60 1.21 26.61
CA GLY A 27 -21.36 0.96 25.39
C GLY A 27 -22.05 -0.38 25.44
N SER A 28 -23.14 -0.49 24.68
CA SER A 28 -23.91 -1.73 24.61
C SER A 28 -23.37 -2.61 23.49
N ILE A 29 -23.13 -3.89 23.81
CA ILE A 29 -22.59 -4.86 22.86
C ILE A 29 -23.51 -5.03 21.67
N SER A 30 -24.72 -4.48 21.75
CA SER A 30 -25.70 -4.54 20.68
C SER A 30 -25.75 -3.29 19.82
N SER A 31 -25.10 -2.21 20.23
CA SER A 31 -25.28 -0.90 19.60
C SER A 31 -24.41 -0.69 18.36
N TYR A 32 -23.54 -1.64 18.01
CA TYR A 32 -22.60 -1.41 16.92
C TYR A 32 -22.26 -2.70 16.20
N TYR A 33 -21.67 -2.53 15.02
CA TYR A 33 -21.14 -3.63 14.21
C TYR A 33 -19.64 -3.70 14.47
N TRP A 34 -19.21 -4.63 15.32
CA TRP A 34 -17.86 -4.61 15.86
C TRP A 34 -16.86 -5.13 14.83
N SER A 35 -15.94 -4.28 14.41
CA SER A 35 -15.06 -4.55 13.28
C SER A 35 -13.58 -4.45 13.65
N TRP A 36 -12.77 -5.13 12.85
CA TRP A 36 -11.32 -5.10 12.92
C TRP A 36 -10.77 -4.62 11.58
N ILE A 37 -9.83 -3.67 11.67
CA ILE A 37 -9.16 -3.03 10.53
C ILE A 37 -7.66 -3.17 10.74
N ARG A 38 -6.90 -3.11 9.64
CA ARG A 38 -5.44 -3.12 9.75
C ARG A 38 -4.83 -2.25 8.67
N GLN A 39 -3.68 -1.66 9.00
CA GLN A 39 -2.88 -0.90 8.04
C GLN A 39 -1.45 -1.39 8.11
N PRO A 40 -0.96 -2.09 7.09
CA PRO A 40 0.44 -2.49 7.07
C PRO A 40 1.34 -1.27 6.88
N PRO A 41 2.48 -1.23 7.58
CA PRO A 41 3.35 -0.04 7.50
C PRO A 41 3.75 0.31 6.07
N GLY A 42 3.23 1.43 5.59
CA GLY A 42 3.48 1.89 4.23
C GLY A 42 2.25 1.79 3.34
N LYS A 43 1.50 0.71 3.47
CA LYS A 43 0.33 0.49 2.63
C LYS A 43 -0.89 1.17 3.25
N GLY A 44 -2.07 0.92 2.67
CA GLY A 44 -3.28 1.60 3.06
C GLY A 44 -4.09 0.83 4.08
N LEU A 45 -5.29 1.36 4.35
CA LEU A 45 -6.18 0.77 5.33
C LEU A 45 -6.94 -0.40 4.72
N GLU A 46 -7.00 -1.50 5.49
CA GLU A 46 -7.66 -2.72 5.05
C GLU A 46 -8.66 -3.16 6.11
N TRP A 47 -9.94 -3.17 5.75
CA TRP A 47 -10.98 -3.65 6.64
C TRP A 47 -10.89 -5.16 6.76
N ILE A 48 -10.57 -5.67 7.95
CA ILE A 48 -10.48 -7.12 8.12
C ILE A 48 -11.86 -7.75 8.17
N GLY A 49 -12.74 -7.23 9.02
CA GLY A 49 -14.07 -7.82 9.06
C GLY A 49 -14.92 -7.27 10.17
N SER A 50 -16.18 -7.69 10.17
CA SER A 50 -17.20 -7.17 11.07
C SER A 50 -18.06 -8.30 11.63
N ILE A 51 -18.30 -8.27 12.93
CA ILE A 51 -19.10 -9.26 13.64
C ILE A 51 -20.17 -8.55 14.46
N TYR A 52 -21.34 -9.20 14.58
CA TYR A 52 -22.45 -8.71 15.38
C TYR A 52 -22.63 -9.61 16.59
N TYR A 53 -23.22 -9.05 17.66
CA TYR A 53 -23.29 -9.75 18.93
C TYR A 53 -24.12 -11.03 18.84
N THR A 54 -25.04 -11.13 17.88
CA THR A 54 -25.78 -12.37 17.70
C THR A 54 -24.94 -13.44 17.03
N GLY A 55 -23.98 -13.03 16.19
CA GLY A 55 -23.13 -13.97 15.51
C GLY A 55 -23.01 -13.73 14.01
N SER A 56 -23.72 -12.72 13.51
CA SER A 56 -23.62 -12.33 12.12
C SER A 56 -22.19 -11.92 11.79
N THR A 57 -21.56 -12.68 10.90
CA THR A 57 -20.15 -12.53 10.54
C THR A 57 -20.04 -12.01 9.12
N ASN A 58 -19.01 -11.20 8.86
CA ASN A 58 -18.78 -10.65 7.53
C ASN A 58 -17.28 -10.44 7.34
N TYR A 59 -16.67 -11.25 6.48
CA TYR A 59 -15.22 -11.27 6.31
C TYR A 59 -14.83 -10.72 4.95
N ASN A 60 -13.81 -9.87 4.95
CA ASN A 60 -13.13 -9.48 3.73
C ASN A 60 -12.78 -10.72 2.92
N PRO A 61 -13.17 -10.80 1.65
CA PRO A 61 -12.88 -12.02 0.87
C PRO A 61 -11.40 -12.32 0.73
N SER A 62 -10.55 -11.29 0.74
CA SER A 62 -9.11 -11.51 0.64
C SER A 62 -8.55 -12.23 1.84
N LEU A 63 -9.25 -12.20 2.98
CA LEU A 63 -8.78 -12.81 4.21
C LEU A 63 -9.71 -13.89 4.75
N LYS A 64 -10.86 -14.13 4.09
CA LYS A 64 -11.89 -14.99 4.68
C LYS A 64 -11.36 -16.38 5.01
N SER A 65 -10.39 -16.88 4.25
CA SER A 65 -9.94 -18.26 4.41
C SER A 65 -9.26 -18.51 5.76
N ARG A 66 -8.79 -17.46 6.44
CA ARG A 66 -8.00 -17.67 7.65
C ARG A 66 -8.36 -16.69 8.77
N VAL A 67 -9.51 -16.02 8.70
CA VAL A 67 -9.96 -15.10 9.74
C VAL A 67 -11.09 -15.76 10.51
N THR A 68 -11.05 -15.66 11.84
CA THR A 68 -12.16 -16.07 12.69
C THR A 68 -12.36 -15.02 13.78
N MET A 69 -13.50 -14.34 13.75
CA MET A 69 -13.82 -13.32 14.73
C MET A 69 -14.89 -13.83 15.68
N SER A 70 -14.83 -13.37 16.93
CA SER A 70 -15.73 -13.83 17.96
C SER A 70 -16.22 -12.65 18.79
N VAL A 71 -17.15 -12.92 19.71
CA VAL A 71 -17.68 -11.89 20.59
C VAL A 71 -18.03 -12.53 21.92
N ASP A 72 -17.60 -11.91 23.01
CA ASP A 72 -17.92 -12.37 24.36
C ASP A 72 -18.94 -11.39 24.95
N THR A 73 -20.21 -11.80 24.92
CA THR A 73 -21.31 -10.96 25.41
C THR A 73 -21.20 -10.70 26.90
N SER A 74 -20.68 -11.66 27.67
CA SER A 74 -20.60 -11.50 29.12
C SER A 74 -19.50 -10.52 29.50
N LYS A 75 -18.28 -10.73 28.99
CA LYS A 75 -17.17 -9.84 29.28
C LYS A 75 -17.20 -8.56 28.45
N ASN A 76 -18.20 -8.40 27.57
CA ASN A 76 -18.39 -7.21 26.76
C ASN A 76 -17.23 -7.00 25.77
N GLN A 77 -16.64 -8.09 25.27
CA GLN A 77 -15.49 -7.99 24.38
C GLN A 77 -15.84 -8.53 23.00
N PHE A 78 -14.91 -8.36 22.07
CA PHE A 78 -14.96 -9.10 20.83
C PHE A 78 -13.54 -9.36 20.35
N SER A 79 -13.33 -10.51 19.72
CA SER A 79 -12.00 -11.01 19.40
C SER A 79 -11.83 -11.23 17.90
N LEU A 80 -10.56 -11.40 17.53
CA LEU A 80 -10.12 -11.65 16.17
C LEU A 80 -8.93 -12.59 16.24
N ARG A 81 -8.97 -13.66 15.45
CA ARG A 81 -7.88 -14.60 15.35
C ARG A 81 -7.55 -14.81 13.87
N LEU A 82 -6.25 -14.78 13.55
CA LEU A 82 -5.79 -14.81 12.16
C LEU A 82 -4.74 -15.90 12.01
N ASN A 83 -5.12 -17.00 11.36
CA ASN A 83 -4.23 -18.14 11.16
C ASN A 83 -3.25 -17.90 10.02
N SER A 84 -2.21 -18.72 9.99
CA SER A 84 -1.21 -18.73 8.92
C SER A 84 -0.64 -17.33 8.68
N VAL A 85 -0.14 -16.73 9.77
CA VAL A 85 0.41 -15.39 9.69
C VAL A 85 1.77 -15.43 9.01
N THR A 86 2.02 -14.46 8.15
CA THR A 86 3.32 -14.23 7.53
C THR A 86 3.79 -12.82 7.87
N ALA A 87 4.98 -12.47 7.40
CA ALA A 87 5.48 -11.10 7.60
C ALA A 87 4.57 -10.07 6.97
N ALA A 88 3.83 -10.45 5.94
CA ALA A 88 2.87 -9.55 5.30
C ALA A 88 1.72 -9.16 6.23
N ASP A 89 1.59 -9.82 7.38
CA ASP A 89 0.55 -9.48 8.35
C ASP A 89 1.04 -8.53 9.44
N THR A 90 2.33 -8.22 9.48
CA THR A 90 2.81 -7.16 10.36
C THR A 90 2.10 -5.87 10.00
N ALA A 91 1.26 -5.38 10.91
CA ALA A 91 0.43 -4.23 10.59
C ALA A 91 -0.07 -3.61 11.88
N MET A 92 -0.68 -2.44 11.74
CA MET A 92 -1.35 -1.77 12.85
C MET A 92 -2.81 -2.16 12.82
N TYR A 93 -3.24 -2.90 13.85
CA TYR A 93 -4.59 -3.41 13.94
C TYR A 93 -5.41 -2.54 14.86
N TYR A 94 -6.68 -2.33 14.53
CA TYR A 94 -7.57 -1.50 15.34
C TYR A 94 -8.96 -2.11 15.37
N CYS A 95 -9.58 -2.07 16.53
CA CYS A 95 -11.00 -2.37 16.64
C CYS A 95 -11.80 -1.09 16.56
N ALA A 96 -12.99 -1.20 15.96
CA ALA A 96 -13.93 -0.10 15.91
C ALA A 96 -15.34 -0.68 16.04
N GLY A 97 -16.28 0.18 16.41
CA GLY A 97 -17.67 -0.20 16.28
C GLY A 97 -18.32 0.56 15.14
N LEU A 98 -18.46 -0.09 13.99
CA LEU A 98 -18.99 0.59 12.82
C LEU A 98 -20.50 0.72 12.90
N ASP A 99 -20.99 1.90 12.55
CA ASP A 99 -22.42 2.16 12.47
C ASP A 99 -22.88 1.83 11.05
N ARG A 100 -23.53 0.68 10.89
CA ARG A 100 -23.91 0.21 9.57
C ARG A 100 -25.03 1.06 8.96
N TYR A 101 -25.86 1.69 9.78
CA TYR A 101 -27.11 2.26 9.30
C TYR A 101 -27.26 3.75 9.62
N SER A 102 -26.18 4.45 9.94
CA SER A 102 -26.22 5.88 10.24
C SER A 102 -27.23 6.20 11.35
N TRP A 103 -27.55 5.22 12.20
CA TRP A 103 -28.58 5.37 13.21
C TRP A 103 -28.07 5.94 14.53
N ASN A 104 -26.78 6.26 14.61
CA ASN A 104 -26.19 6.83 15.83
C ASN A 104 -25.66 8.22 15.54
N GLU A 105 -26.11 9.19 16.33
CA GLU A 105 -25.41 10.47 16.40
C GLU A 105 -23.99 10.24 16.92
N GLY A 106 -23.06 11.06 16.45
CA GLY A 106 -21.67 10.90 16.80
C GLY A 106 -20.92 9.89 15.95
N GLY A 107 -21.61 9.14 15.10
CA GLY A 107 -20.95 8.32 14.09
C GLY A 107 -20.30 7.07 14.64
N ASP A 108 -19.38 6.54 13.81
CA ASP A 108 -18.60 5.38 14.21
C ASP A 108 -17.71 5.72 15.39
N HIS A 109 -17.31 4.69 16.14
CA HIS A 109 -16.41 4.86 17.27
C HIS A 109 -15.22 3.94 17.09
N TRP A 110 -14.06 4.38 17.57
CA TRP A 110 -12.81 3.72 17.25
C TRP A 110 -11.98 3.46 18.49
N GLY A 111 -11.15 2.43 18.41
CA GLY A 111 -10.16 2.15 19.42
C GLY A 111 -8.92 2.99 19.20
N GLN A 112 -7.83 2.58 19.83
CA GLN A 112 -6.58 3.33 19.78
C GLN A 112 -5.54 2.72 18.85
N GLY A 113 -5.69 1.46 18.46
CA GLY A 113 -4.79 0.84 17.52
C GLY A 113 -3.50 0.36 18.14
N ILE A 114 -3.01 -0.79 17.68
CA ILE A 114 -1.80 -1.40 18.23
C ILE A 114 -1.02 -2.04 17.09
N LEU A 115 0.28 -1.76 17.04
CA LEU A 115 1.14 -2.29 15.98
C LEU A 115 1.60 -3.69 16.36
N VAL A 116 1.10 -4.69 15.62
CA VAL A 116 1.45 -6.08 15.85
C VAL A 116 2.42 -6.50 14.76
N SER A 117 3.60 -6.97 15.17
CA SER A 117 4.64 -7.43 14.27
C SER A 117 4.84 -8.93 14.45
N VAL A 118 5.06 -9.63 13.34
CA VAL A 118 5.28 -11.07 13.36
C VAL A 118 6.75 -11.32 13.04
N SER A 119 7.44 -11.99 13.95
CA SER A 119 8.85 -12.31 13.82
C SER A 119 9.00 -13.76 13.42
N SER A 120 9.73 -14.01 12.33
CA SER A 120 10.00 -15.36 11.85
C SER A 120 11.49 -15.64 11.93
N ALA A 121 11.83 -16.88 12.30
CA ALA A 121 13.21 -17.30 12.48
C ALA A 121 13.77 -18.01 11.25
N SER A 122 13.12 -17.90 10.10
CA SER A 122 13.50 -18.62 8.90
C SER A 122 14.16 -17.68 7.90
N THR A 123 14.80 -18.30 6.89
CA THR A 123 15.49 -17.58 5.83
C THR A 123 15.06 -18.13 4.48
N LYS A 124 15.36 -17.37 3.43
CA LYS A 124 15.16 -17.84 2.06
C LYS A 124 16.08 -17.05 1.14
N GLY A 125 16.86 -17.76 0.33
CA GLY A 125 17.76 -17.15 -0.61
C GLY A 125 17.03 -16.36 -1.70
N PRO A 126 17.67 -15.32 -2.20
CA PRO A 126 17.06 -14.52 -3.27
C PRO A 126 17.32 -15.08 -4.66
N SER A 127 16.33 -14.89 -5.53
CA SER A 127 16.49 -15.15 -6.96
C SER A 127 16.91 -13.86 -7.63
N VAL A 128 18.04 -13.88 -8.34
CA VAL A 128 18.59 -12.69 -8.96
C VAL A 128 18.44 -12.80 -10.47
N PHE A 129 17.89 -11.76 -11.09
CA PHE A 129 17.75 -11.67 -12.53
C PHE A 129 18.25 -10.32 -13.02
N PRO A 130 18.82 -10.26 -14.22
CA PRO A 130 19.35 -8.97 -14.71
C PRO A 130 18.32 -8.16 -15.47
N LEU A 131 18.37 -6.84 -15.26
CA LEU A 131 17.53 -5.89 -15.98
C LEU A 131 18.38 -5.30 -17.12
N ALA A 132 18.15 -5.79 -18.34
CA ALA A 132 18.98 -5.51 -19.50
C ALA A 132 18.74 -4.10 -20.04
N PRO A 133 19.76 -3.50 -20.68
CA PRO A 133 19.66 -2.10 -21.13
C PRO A 133 18.70 -1.86 -22.29
N SER A 134 18.77 -2.68 -23.34
CA SER A 134 18.01 -2.45 -24.57
C SER A 134 18.36 -1.08 -25.18
N SER A 135 19.58 -1.02 -25.72
CA SER A 135 20.34 0.19 -26.02
C SER A 135 19.51 1.39 -26.46
N LYS A 136 19.74 2.53 -25.81
CA LYS A 136 19.02 3.78 -26.08
C LYS A 136 19.89 4.85 -26.71
N SER A 137 21.21 4.63 -26.81
CA SER A 137 22.14 5.45 -27.57
C SER A 137 22.27 6.89 -27.06
N THR A 138 21.59 7.22 -25.98
CA THR A 138 21.67 8.57 -25.42
C THR A 138 21.90 8.51 -23.92
N THR A 142 23.73 7.60 -21.68
CA THR A 142 23.15 7.48 -20.35
C THR A 142 21.96 6.52 -20.34
N ALA A 143 22.24 5.24 -20.59
CA ALA A 143 21.25 4.19 -20.43
C ALA A 143 21.23 3.70 -18.98
N ALA A 144 20.28 2.81 -18.69
CA ALA A 144 20.08 2.28 -17.35
C ALA A 144 19.99 0.76 -17.40
N LEU A 145 20.67 0.10 -16.45
CA LEU A 145 20.67 -1.36 -16.37
C LEU A 145 20.74 -1.76 -14.91
N GLY A 146 20.08 -2.85 -14.56
CA GLY A 146 19.96 -3.18 -13.15
C GLY A 146 19.99 -4.64 -12.75
N CYS A 147 19.68 -4.88 -11.48
CA CYS A 147 19.58 -6.21 -10.90
C CYS A 147 18.29 -6.30 -10.09
N LEU A 148 17.49 -7.32 -10.38
CA LEU A 148 16.26 -7.62 -9.67
C LEU A 148 16.54 -8.75 -8.68
N VAL A 149 16.47 -8.41 -7.39
CA VAL A 149 16.62 -9.37 -6.30
C VAL A 149 15.22 -9.67 -5.78
N LYS A 150 14.80 -10.93 -5.89
CA LYS A 150 13.40 -11.26 -5.65
C LYS A 150 13.25 -12.41 -4.67
N ASP A 151 12.24 -12.29 -3.81
CA ASP A 151 11.74 -13.39 -2.97
C ASP A 151 12.79 -13.94 -2.01
N TYR A 152 13.19 -13.09 -1.06
CA TYR A 152 14.05 -13.47 0.05
C TYR A 152 13.42 -13.01 1.36
N PHE A 153 13.45 -13.86 2.39
CA PHE A 153 12.71 -13.41 3.57
C PHE A 153 13.44 -12.43 4.50
N PRO A 154 14.59 -12.75 5.07
CA PRO A 154 15.17 -11.84 6.06
C PRO A 154 15.65 -10.56 5.38
N GLU A 155 15.41 -9.43 6.04
CA GLU A 155 15.35 -8.17 5.31
C GLU A 155 16.68 -7.73 4.72
N PRO A 156 17.77 -7.62 5.47
CA PRO A 156 18.95 -6.91 4.93
C PRO A 156 19.63 -7.71 3.82
N VAL A 157 19.58 -7.16 2.61
CA VAL A 157 20.49 -7.55 1.53
C VAL A 157 21.26 -6.30 1.14
N THR A 158 22.50 -6.50 0.72
CA THR A 158 23.36 -5.41 0.28
C THR A 158 23.79 -5.67 -1.17
N VAL A 159 23.75 -4.62 -1.99
CA VAL A 159 24.02 -4.74 -3.42
C VAL A 159 25.18 -3.84 -3.77
N SER A 160 26.25 -4.45 -4.27
CA SER A 160 27.42 -3.74 -4.78
C SER A 160 27.41 -3.84 -6.31
N TRP A 161 28.28 -3.05 -6.95
CA TRP A 161 28.41 -3.09 -8.39
C TRP A 161 29.89 -3.14 -8.74
N ASN A 162 30.30 -4.20 -9.44
CA ASN A 162 31.70 -4.46 -9.74
C ASN A 162 32.54 -4.44 -8.47
N SER A 163 32.01 -5.06 -7.41
CA SER A 163 32.71 -5.24 -6.13
C SER A 163 33.05 -3.89 -5.50
N GLY A 164 32.16 -2.91 -5.64
CA GLY A 164 32.35 -1.61 -5.03
C GLY A 164 33.15 -0.63 -5.86
N ALA A 165 33.49 -0.98 -7.10
CA ALA A 165 34.15 -0.01 -7.98
C ALA A 165 33.15 1.03 -8.48
N LEU A 166 32.03 0.57 -9.04
CA LEU A 166 31.05 1.46 -9.65
C LEU A 166 30.22 2.11 -8.56
N THR A 167 30.39 3.42 -8.38
CA THR A 167 29.73 4.15 -7.31
C THR A 167 28.77 5.22 -7.81
N SER A 168 29.21 6.10 -8.70
CA SER A 168 28.35 7.15 -9.21
C SER A 168 27.31 6.57 -10.15
N GLY A 169 26.05 6.92 -9.92
CA GLY A 169 24.95 6.39 -10.71
C GLY A 169 24.28 5.16 -10.13
N VAL A 170 24.67 4.73 -8.94
CA VAL A 170 24.07 3.56 -8.30
C VAL A 170 22.85 4.01 -7.51
N HIS A 171 21.68 3.47 -7.85
CA HIS A 171 20.44 3.77 -7.16
C HIS A 171 19.75 2.47 -6.80
N THR A 172 19.67 2.19 -5.50
CA THR A 172 19.09 0.94 -4.99
C THR A 172 17.71 1.27 -4.41
N PHE A 173 16.67 0.96 -5.18
CA PHE A 173 15.32 1.19 -4.69
C PHE A 173 15.02 0.27 -3.51
N PRO A 174 14.24 0.75 -2.54
CA PRO A 174 14.00 -0.05 -1.33
C PRO A 174 13.17 -1.29 -1.61
N ALA A 175 13.31 -2.26 -0.72
CA ALA A 175 12.61 -3.53 -0.86
C ALA A 175 11.11 -3.35 -0.66
N VAL A 176 10.34 -4.17 -1.37
CA VAL A 176 8.90 -4.24 -1.19
C VAL A 176 8.59 -5.45 -0.34
N LEU A 177 7.49 -5.40 0.40
CA LEU A 177 7.00 -6.55 1.17
C LEU A 177 5.77 -7.06 0.44
N GLN A 178 5.94 -8.16 -0.29
CA GLN A 178 4.83 -8.74 -1.03
C GLN A 178 3.85 -9.42 -0.07
N SER A 179 2.66 -9.70 -0.59
CA SER A 179 1.64 -10.37 0.22
C SER A 179 2.06 -11.77 0.61
N SER A 180 3.03 -12.37 -0.10
CA SER A 180 3.53 -13.69 0.22
C SER A 180 4.52 -13.70 1.37
N GLY A 181 4.81 -12.54 1.97
CA GLY A 181 5.73 -12.45 3.08
C GLY A 181 7.20 -12.34 2.71
N LEU A 182 7.53 -12.26 1.42
CA LEU A 182 8.90 -12.18 0.96
C LEU A 182 9.21 -10.79 0.44
N TYR A 183 10.49 -10.46 0.41
CA TYR A 183 10.96 -9.15 -0.05
C TYR A 183 11.55 -9.25 -1.44
N SER A 184 11.47 -8.13 -2.18
CA SER A 184 12.11 -8.00 -3.47
C SER A 184 12.48 -6.54 -3.67
N LEU A 185 13.68 -6.30 -4.20
CA LEU A 185 14.14 -4.96 -4.51
C LEU A 185 14.82 -4.97 -5.87
N SER A 186 15.13 -3.76 -6.33
CA SER A 186 15.86 -3.54 -7.58
C SER A 186 16.98 -2.55 -7.32
N SER A 187 18.13 -2.81 -7.93
CA SER A 187 19.27 -1.88 -7.90
C SER A 187 19.67 -1.58 -9.33
N VAL A 188 19.50 -0.31 -9.73
CA VAL A 188 19.77 0.09 -11.10
C VAL A 188 20.93 1.08 -11.11
N VAL A 189 21.74 1.00 -12.16
CA VAL A 189 22.81 1.96 -12.39
C VAL A 189 22.61 2.59 -13.75
N THR A 190 23.07 3.83 -13.87
CA THR A 190 22.99 4.62 -15.08
C THR A 190 24.40 4.77 -15.64
N VAL A 191 24.62 4.23 -16.84
CA VAL A 191 25.96 4.21 -17.43
C VAL A 191 25.89 4.84 -18.82
N PRO A 192 26.97 5.44 -19.31
CA PRO A 192 26.95 6.01 -20.66
C PRO A 192 26.72 4.95 -21.72
N SER A 193 25.95 5.32 -22.75
CA SER A 193 25.58 4.37 -23.80
C SER A 193 26.79 3.84 -24.55
N SER A 194 27.84 4.66 -24.68
CA SER A 194 29.03 4.22 -25.40
C SER A 194 29.73 3.06 -24.69
N SER A 195 29.58 2.96 -23.37
CA SER A 195 30.26 1.95 -22.57
C SER A 195 29.49 0.63 -22.48
N LEU A 196 28.36 0.51 -23.18
CA LEU A 196 27.56 -0.71 -23.09
C LEU A 196 28.33 -1.91 -23.64
N GLY A 197 28.95 -1.76 -24.81
CA GLY A 197 29.62 -2.89 -25.43
C GLY A 197 31.01 -3.16 -24.90
N THR A 198 31.68 -2.14 -24.38
CA THR A 198 33.07 -2.28 -23.95
C THR A 198 33.19 -2.67 -22.48
N GLN A 199 32.65 -1.85 -21.58
CA GLN A 199 32.76 -2.11 -20.15
C GLN A 199 31.70 -3.10 -19.71
N THR A 200 32.11 -4.11 -18.93
CA THR A 200 31.20 -5.11 -18.41
C THR A 200 30.78 -4.74 -17.00
N TYR A 201 29.52 -5.02 -16.68
CA TYR A 201 28.91 -4.64 -15.42
C TYR A 201 28.39 -5.89 -14.72
N ILE A 202 28.80 -6.10 -13.48
CA ILE A 202 28.32 -7.21 -12.67
C ILE A 202 27.83 -6.66 -11.34
N CYS A 203 26.62 -7.03 -10.94
CA CYS A 203 26.11 -6.67 -9.63
C CYS A 203 26.38 -7.80 -8.65
N ASN A 204 26.60 -7.42 -7.40
CA ASN A 204 27.03 -8.32 -6.34
C ASN A 204 25.99 -8.25 -5.23
N VAL A 205 25.06 -9.21 -5.24
CA VAL A 205 24.00 -9.31 -4.25
C VAL A 205 24.51 -10.16 -3.10
N ASN A 206 24.41 -9.63 -1.88
CA ASN A 206 24.87 -10.32 -0.68
C ASN A 206 23.72 -10.37 0.32
N HIS A 207 23.24 -11.58 0.60
CA HIS A 207 22.20 -11.86 1.58
C HIS A 207 22.83 -12.78 2.62
N LYS A 208 23.35 -12.19 3.68
CA LYS A 208 24.05 -12.93 4.73
C LYS A 208 23.14 -13.82 5.58
N PRO A 209 21.89 -13.44 5.88
CA PRO A 209 21.03 -14.34 6.66
C PRO A 209 20.85 -15.72 6.05
N SER A 210 20.77 -15.84 4.73
CA SER A 210 20.69 -17.14 4.08
C SER A 210 22.05 -17.63 3.61
N ASN A 211 23.13 -16.89 3.90
CA ASN A 211 24.48 -17.23 3.46
C ASN A 211 24.54 -17.37 1.94
N THR A 212 24.05 -16.35 1.25
CA THR A 212 23.96 -16.35 -0.20
C THR A 212 24.69 -15.15 -0.77
N LYS A 213 25.51 -15.40 -1.79
CA LYS A 213 26.18 -14.36 -2.56
C LYS A 213 26.00 -14.69 -4.03
N VAL A 214 25.54 -13.72 -4.81
CA VAL A 214 25.25 -13.92 -6.23
C VAL A 214 25.86 -12.76 -7.01
N ASP A 215 26.47 -13.08 -8.15
CA ASP A 215 27.06 -12.08 -9.02
C ASP A 215 26.46 -12.23 -10.40
N LYS A 216 25.88 -11.16 -10.92
CA LYS A 216 25.19 -11.20 -12.21
C LYS A 216 25.84 -10.25 -13.18
N LYS A 217 26.34 -10.79 -14.29
CA LYS A 217 26.81 -9.98 -15.40
C LYS A 217 25.60 -9.50 -16.19
N VAL A 218 25.36 -8.20 -16.16
CA VAL A 218 24.24 -7.58 -16.87
C VAL A 218 24.76 -7.05 -18.19
N GLU A 219 24.43 -7.76 -19.27
CA GLU A 219 24.82 -7.39 -20.61
C GLU A 219 23.59 -7.29 -21.50
N PRO A 220 23.56 -6.33 -22.43
CA PRO A 220 22.44 -6.14 -23.37
C PRO A 220 22.01 -7.41 -24.09
N GLN B 1 -14.83 -6.40 -4.07
CA GLN B 1 -15.19 -5.10 -3.49
C GLN B 1 -14.75 -3.96 -4.39
N PRO B 2 -15.71 -3.23 -4.98
CA PRO B 2 -15.34 -2.08 -5.80
C PRO B 2 -14.68 -1.00 -4.96
N VAL B 3 -13.37 -0.81 -5.14
CA VAL B 3 -12.60 0.04 -4.26
C VAL B 3 -12.80 1.49 -4.63
N LEU B 4 -12.84 2.36 -3.62
CA LEU B 4 -13.00 3.78 -3.83
C LEU B 4 -11.65 4.39 -4.22
N THR B 5 -11.63 5.10 -5.34
CA THR B 5 -10.39 5.69 -5.85
C THR B 5 -10.25 7.12 -5.34
N GLN B 6 -9.02 7.46 -4.94
CA GLN B 6 -8.67 8.78 -4.46
C GLN B 6 -7.41 9.25 -5.19
N PRO B 7 -7.28 10.55 -5.42
CA PRO B 7 -6.01 11.08 -5.92
C PRO B 7 -4.89 10.79 -4.94
N PRO B 8 -3.71 10.41 -5.44
CA PRO B 8 -2.64 10.03 -4.51
C PRO B 8 -2.12 11.18 -3.66
N SER B 9 -2.16 12.41 -4.15
CA SER B 9 -1.50 13.52 -3.49
C SER B 9 -2.32 14.79 -3.62
N ALA B 10 -2.43 15.52 -2.51
CA ALA B 10 -3.06 16.83 -2.47
C ALA B 10 -2.18 17.75 -1.61
N SER B 11 -1.87 18.93 -2.14
CA SER B 11 -0.88 19.79 -1.52
C SER B 11 -1.38 21.24 -1.49
N GLY B 12 -0.60 22.08 -0.80
CA GLY B 12 -0.90 23.48 -0.70
C GLY B 12 0.07 24.16 0.24
N THR B 13 0.13 25.49 0.13
CA THR B 13 0.92 26.27 1.06
C THR B 13 0.10 26.62 2.30
N PRO B 14 0.75 26.96 3.40
CA PRO B 14 0.01 27.23 4.65
C PRO B 14 -1.12 28.25 4.46
N GLY B 15 -2.29 27.89 4.97
CA GLY B 15 -3.47 28.73 4.89
C GLY B 15 -4.37 28.45 3.70
N GLN B 16 -3.89 27.71 2.70
CA GLN B 16 -4.67 27.45 1.50
C GLN B 16 -5.74 26.39 1.78
N ARG B 17 -6.69 26.31 0.85
CA ARG B 17 -7.78 25.33 0.91
C ARG B 17 -7.46 24.18 -0.03
N VAL B 18 -7.67 22.95 0.45
CA VAL B 18 -7.33 21.74 -0.29
C VAL B 18 -8.51 20.79 -0.26
N SER B 19 -8.92 20.30 -1.43
CA SER B 19 -10.05 19.38 -1.53
C SER B 19 -9.57 18.02 -1.99
N ILE B 20 -10.21 16.98 -1.48
CA ILE B 20 -9.87 15.59 -1.77
C ILE B 20 -11.09 14.93 -2.41
N SER B 21 -10.89 14.30 -3.56
CA SER B 21 -11.96 13.60 -4.25
C SER B 21 -12.02 12.13 -3.82
N CYS B 22 -13.18 11.53 -4.04
CA CYS B 22 -13.41 10.12 -3.71
C CYS B 22 -14.48 9.62 -4.66
N SER B 23 -14.10 8.73 -5.57
CA SER B 23 -15.00 8.20 -6.59
C SER B 23 -15.39 6.77 -6.24
N GLY B 24 -16.69 6.48 -6.31
CA GLY B 24 -17.21 5.18 -5.99
C GLY B 24 -18.21 4.69 -7.03
N SER B 25 -18.73 3.49 -6.78
CA SER B 25 -19.66 2.84 -7.68
C SER B 25 -21.09 2.94 -7.14
N ARG B 26 -22.02 2.30 -7.84
CA ARG B 26 -23.43 2.33 -7.43
C ARG B 26 -23.65 1.59 -6.11
N SER B 27 -22.86 0.55 -5.85
CA SER B 27 -23.13 -0.31 -4.70
C SER B 27 -22.63 0.28 -3.38
N ASN B 28 -21.76 1.28 -3.42
CA ASN B 28 -21.19 1.83 -2.19
C ASN B 28 -21.60 3.28 -1.93
N LEU B 29 -21.30 4.19 -2.86
CA LEU B 29 -21.60 5.61 -2.65
C LEU B 29 -22.99 5.99 -3.12
N GLY B 30 -23.57 5.21 -4.03
CA GLY B 30 -24.95 5.43 -4.44
C GLY B 30 -25.99 4.94 -3.46
N LYS B 31 -25.58 4.23 -2.40
CA LYS B 31 -26.53 3.69 -1.44
C LYS B 31 -26.15 3.87 0.02
N ASN B 32 -24.92 4.25 0.35
CA ASN B 32 -24.49 4.33 1.73
C ASN B 32 -23.78 5.65 2.00
N THR B 33 -23.59 5.92 3.28
CA THR B 33 -22.92 7.13 3.74
C THR B 33 -21.40 7.01 3.56
N VAL B 34 -20.74 8.15 3.57
CA VAL B 34 -19.30 8.24 3.36
C VAL B 34 -18.67 8.80 4.63
N ASN B 35 -17.62 8.14 5.10
CA ASN B 35 -16.83 8.62 6.24
C ASN B 35 -15.45 9.04 5.76
N TRP B 36 -14.90 10.04 6.43
CA TRP B 36 -13.56 10.55 6.14
C TRP B 36 -12.70 10.43 7.40
N TYR B 37 -11.54 9.80 7.24
CA TYR B 37 -10.62 9.46 8.31
C TYR B 37 -9.28 10.16 8.11
N GLN B 38 -8.71 10.64 9.19
CA GLN B 38 -7.34 11.15 9.23
C GLN B 38 -6.44 10.05 9.78
N GLN B 39 -5.47 9.64 8.97
CA GLN B 39 -4.59 8.52 9.31
C GLN B 39 -3.18 9.04 9.55
N LEU B 40 -2.71 8.88 10.78
CA LEU B 40 -1.37 9.19 11.23
C LEU B 40 -0.59 7.91 11.48
N PRO B 41 0.74 7.95 11.38
CA PRO B 41 1.52 6.73 11.56
C PRO B 41 1.58 6.32 13.03
N GLY B 42 1.55 5.01 13.26
CA GLY B 42 1.69 4.48 14.60
C GLY B 42 0.51 4.71 15.52
N THR B 43 -0.64 5.12 14.98
CA THR B 43 -1.86 5.34 15.76
C THR B 43 -3.06 4.87 14.95
N ALA B 44 -4.24 5.00 15.55
CA ALA B 44 -5.48 4.60 14.89
C ALA B 44 -5.98 5.70 13.97
N PRO B 45 -6.88 5.38 13.04
CA PRO B 45 -7.45 6.43 12.20
C PRO B 45 -8.42 7.30 12.99
N LYS B 46 -8.24 8.61 12.87
CA LYS B 46 -9.11 9.58 13.53
C LYS B 46 -10.28 9.91 12.62
N LEU B 47 -11.50 9.65 13.09
CA LEU B 47 -12.70 9.89 12.29
C LEU B 47 -12.96 11.39 12.20
N LEU B 48 -12.88 11.93 10.99
CA LEU B 48 -13.12 13.35 10.76
C LEU B 48 -14.58 13.62 10.38
N ILE B 49 -15.07 12.97 9.34
CA ILE B 49 -16.41 13.23 8.83
C ILE B 49 -17.20 11.93 8.83
N TYR B 50 -18.45 12.02 9.24
CA TYR B 50 -19.38 10.91 9.11
C TYR B 50 -20.72 11.47 8.68
N ASN B 51 -21.48 10.67 7.93
CA ASN B 51 -22.84 11.02 7.55
C ASN B 51 -22.88 12.32 6.75
N HIS B 52 -22.00 12.42 5.75
CA HIS B 52 -22.06 13.47 4.74
C HIS B 52 -21.99 14.86 5.37
N SER B 53 -20.80 15.18 5.89
CA SER B 53 -20.42 16.50 6.39
C SER B 53 -20.91 16.78 7.79
N ARG B 54 -21.30 15.76 8.53
CA ARG B 54 -21.40 15.87 9.98
C ARG B 54 -20.07 15.45 10.58
N ARG B 55 -19.63 16.17 11.61
CA ARG B 55 -18.38 15.84 12.23
C ARG B 55 -18.53 15.80 13.74
N PRO B 56 -17.89 14.84 14.40
CA PRO B 56 -17.97 14.76 15.87
C PRO B 56 -17.24 15.92 16.53
N SER B 57 -17.54 16.11 17.81
CA SER B 57 -16.94 17.19 18.57
C SER B 57 -15.45 16.96 18.72
N GLY B 58 -14.68 18.05 18.61
CA GLY B 58 -13.23 17.99 18.61
C GLY B 58 -12.61 18.15 17.23
N VAL B 59 -13.42 18.06 16.17
CA VAL B 59 -12.95 18.26 14.81
C VAL B 59 -13.15 19.73 14.44
N PRO B 60 -12.09 20.45 14.10
CA PRO B 60 -12.23 21.88 13.78
C PRO B 60 -13.19 22.10 12.62
N GLU B 61 -13.62 23.35 12.49
CA GLU B 61 -14.52 23.74 11.41
C GLU B 61 -13.83 23.77 10.06
N ARG B 62 -12.51 23.62 10.01
CA ARG B 62 -11.78 23.70 8.75
C ARG B 62 -12.05 22.52 7.83
N PHE B 63 -12.56 21.41 8.37
CA PHE B 63 -12.91 20.24 7.57
C PHE B 63 -14.39 20.28 7.20
N SER B 64 -14.71 19.84 5.98
CA SER B 64 -16.11 19.72 5.59
C SER B 64 -16.23 18.83 4.37
N GLY B 65 -17.11 17.83 4.43
CA GLY B 65 -17.33 16.93 3.32
C GLY B 65 -18.59 17.28 2.52
N SER B 66 -18.80 16.51 1.46
CA SER B 66 -20.02 16.59 0.66
C SER B 66 -20.09 15.39 -0.26
N LYS B 67 -21.29 14.82 -0.43
CA LYS B 67 -21.49 13.68 -1.29
C LYS B 67 -22.42 14.04 -2.44
N SER B 68 -22.15 13.46 -3.60
CA SER B 68 -22.93 13.60 -4.82
C SER B 68 -23.49 12.23 -5.20
N GLY B 69 -24.02 12.13 -6.41
CA GLY B 69 -24.52 10.87 -6.94
C GLY B 69 -23.64 9.67 -6.61
N THR B 70 -22.37 9.73 -7.02
CA THR B 70 -21.42 8.65 -6.71
C THR B 70 -20.04 9.20 -6.36
N SER B 71 -19.97 10.43 -5.86
CA SER B 71 -18.68 11.04 -5.55
C SER B 71 -18.79 11.84 -4.27
N ALA B 72 -17.69 11.86 -3.50
CA ALA B 72 -17.59 12.65 -2.30
C ALA B 72 -16.32 13.48 -2.36
N SER B 73 -16.31 14.56 -1.59
CA SER B 73 -15.14 15.42 -1.47
C SER B 73 -14.99 15.89 -0.03
N LEU B 74 -13.75 15.93 0.43
CA LEU B 74 -13.37 16.50 1.71
C LEU B 74 -12.71 17.86 1.45
N ALA B 75 -12.88 18.78 2.38
CA ALA B 75 -12.36 20.13 2.24
C ALA B 75 -11.60 20.51 3.51
N ILE B 76 -10.36 20.93 3.32
CA ILE B 76 -9.49 21.37 4.40
C ILE B 76 -9.07 22.80 4.06
N SER B 77 -9.82 23.77 4.56
CA SER B 77 -9.50 25.18 4.37
C SER B 77 -8.54 25.63 5.46
N GLY B 78 -7.66 26.56 5.10
CA GLY B 78 -6.65 27.02 6.02
C GLY B 78 -5.71 25.92 6.44
N LEU B 79 -4.93 25.40 5.48
CA LEU B 79 -4.07 24.26 5.74
C LEU B 79 -2.97 24.63 6.74
N GLN B 80 -2.69 23.70 7.66
CA GLN B 80 -1.72 23.90 8.72
C GLN B 80 -0.72 22.76 8.70
N SER B 81 0.45 23.00 9.30
CA SER B 81 1.48 21.97 9.36
C SER B 81 1.00 20.71 10.05
N GLU B 82 0.02 20.83 10.95
CA GLU B 82 -0.52 19.70 11.69
C GLU B 82 -1.53 18.89 10.88
N ASP B 83 -1.75 19.22 9.62
CA ASP B 83 -2.71 18.51 8.78
C ASP B 83 -2.04 17.52 7.82
N GLU B 84 -0.73 17.34 7.92
CA GLU B 84 -0.03 16.37 7.08
C GLU B 84 -0.34 14.97 7.58
N ALA B 85 -1.09 14.20 6.79
CA ALA B 85 -1.48 12.84 7.15
C ALA B 85 -1.96 12.14 5.87
N ASP B 86 -2.44 10.91 6.02
CA ASP B 86 -3.08 10.16 4.94
C ASP B 86 -4.58 10.12 5.21
N TYR B 87 -5.36 10.75 4.33
CA TYR B 87 -6.80 10.84 4.50
C TYR B 87 -7.50 9.78 3.66
N PHE B 88 -8.49 9.11 4.25
CA PHE B 88 -9.18 8.01 3.60
C PHE B 88 -10.69 8.22 3.64
N CYS B 89 -11.36 7.91 2.53
CA CYS B 89 -12.81 7.81 2.51
C CYS B 89 -13.21 6.35 2.57
N ALA B 90 -14.16 6.03 3.45
CA ALA B 90 -14.65 4.67 3.60
C ALA B 90 -16.17 4.67 3.49
N ALA B 91 -16.72 3.62 2.88
CA ALA B 91 -18.15 3.50 2.70
C ALA B 91 -18.54 2.03 2.67
N TRP B 92 -19.72 1.73 3.20
CA TRP B 92 -20.25 0.38 3.11
C TRP B 92 -20.63 0.04 1.67
N ASP B 93 -20.77 -1.26 1.41
CA ASP B 93 -20.96 -1.78 0.08
C ASP B 93 -21.95 -2.94 0.15
N ASP B 94 -22.93 -2.93 -0.75
CA ASP B 94 -24.01 -3.89 -0.78
C ASP B 94 -23.63 -5.14 -1.57
N SER B 95 -22.32 -5.41 -1.64
CA SER B 95 -21.82 -6.60 -2.32
C SER B 95 -22.10 -7.82 -1.47
N LEU B 96 -21.44 -8.93 -1.78
CA LEU B 96 -21.89 -10.28 -1.44
C LEU B 96 -22.59 -10.38 -0.09
N ASN B 97 -21.92 -10.00 0.99
CA ASN B 97 -22.53 -9.99 2.30
C ASN B 97 -22.42 -8.64 3.00
N GLY B 98 -21.84 -7.63 2.36
CA GLY B 98 -21.71 -6.32 2.96
C GLY B 98 -20.28 -6.01 3.34
N LEU B 99 -19.63 -5.15 2.57
CA LEU B 99 -18.19 -4.93 2.70
C LEU B 99 -17.91 -3.48 3.04
N TYR B 100 -17.05 -3.25 4.02
CA TYR B 100 -16.60 -1.89 4.33
C TYR B 100 -15.38 -1.60 3.46
N VAL B 101 -15.54 -0.68 2.51
CA VAL B 101 -14.53 -0.38 1.51
C VAL B 101 -13.83 0.92 1.88
N PHE B 102 -12.51 0.91 1.83
CA PHE B 102 -11.70 2.10 2.04
C PHE B 102 -11.27 2.72 0.72
N GLY B 103 -11.01 4.03 0.76
CA GLY B 103 -10.40 4.68 -0.37
C GLY B 103 -8.91 4.41 -0.44
N THR B 104 -8.33 4.70 -1.61
CA THR B 104 -6.92 4.40 -1.82
C THR B 104 -6.00 5.31 -1.00
N GLY B 105 -6.51 6.39 -0.44
CA GLY B 105 -5.71 7.24 0.42
C GLY B 105 -5.07 8.40 -0.30
N THR B 106 -4.92 9.54 0.39
CA THR B 106 -4.38 10.75 -0.21
C THR B 106 -3.42 11.39 0.80
N LYS B 107 -2.16 11.54 0.42
CA LYS B 107 -1.18 12.18 1.29
C LYS B 107 -1.28 13.69 1.15
N VAL B 108 -1.48 14.38 2.27
CA VAL B 108 -1.51 15.83 2.31
C VAL B 108 -0.17 16.33 2.82
N THR B 109 0.50 17.14 2.01
CA THR B 109 1.82 17.67 2.33
C THR B 109 1.79 19.19 2.28
N VAL B 110 2.41 19.82 3.27
CA VAL B 110 2.64 21.25 3.20
C VAL B 110 3.87 21.49 2.34
N LEU B 111 3.75 22.43 1.40
CA LEU B 111 4.79 22.63 0.39
C LEU B 111 6.08 23.07 1.04
N ARG B 112 7.07 22.15 1.12
CA ARG B 112 8.42 22.49 1.55
C ARG B 112 9.29 23.00 0.40
N GLN B 113 8.89 22.72 -0.83
CA GLN B 113 9.67 22.99 -2.03
C GLN B 113 8.73 22.85 -3.22
N PRO B 114 9.11 23.39 -4.38
CA PRO B 114 8.23 23.25 -5.56
C PRO B 114 7.99 21.79 -5.92
N LYS B 115 6.86 21.56 -6.58
CA LYS B 115 6.49 20.21 -6.96
C LYS B 115 7.42 19.67 -8.04
N ALA B 116 7.73 18.38 -7.97
CA ALA B 116 8.59 17.72 -8.93
C ALA B 116 7.81 16.61 -9.61
N ALA B 117 7.90 16.55 -10.93
CA ALA B 117 7.19 15.49 -11.61
C ALA B 117 8.03 14.21 -11.62
N PRO B 118 7.39 13.05 -11.61
CA PRO B 118 8.14 11.80 -11.53
C PRO B 118 8.74 11.38 -12.87
N SER B 119 9.79 10.58 -12.78
CA SER B 119 10.38 9.87 -13.91
C SER B 119 10.08 8.38 -13.75
N VAL B 120 9.85 7.72 -14.89
CA VAL B 120 9.38 6.34 -14.93
C VAL B 120 10.27 5.55 -15.88
N THR B 121 10.94 4.52 -15.36
CA THR B 121 11.67 3.56 -16.17
C THR B 121 11.02 2.20 -16.00
N LEU B 122 10.57 1.61 -17.10
CA LEU B 122 9.91 0.32 -17.10
C LEU B 122 10.84 -0.74 -17.65
N PHE B 123 10.86 -1.90 -16.98
CA PHE B 123 11.72 -3.03 -17.30
C PHE B 123 10.86 -4.26 -17.52
N PRO B 124 10.92 -4.88 -18.70
CA PRO B 124 10.16 -6.10 -18.94
C PRO B 124 10.83 -7.30 -18.29
N PRO B 125 10.19 -8.47 -18.30
CA PRO B 125 10.81 -9.64 -17.67
C PRO B 125 11.99 -10.18 -18.48
N SER B 126 13.03 -10.56 -17.75
CA SER B 126 14.22 -11.12 -18.36
C SER B 126 13.94 -12.51 -18.92
N SER B 127 14.70 -12.89 -19.95
CA SER B 127 14.58 -14.22 -20.50
C SER B 127 14.97 -15.28 -19.47
N GLU B 128 15.97 -14.97 -18.63
CA GLU B 128 16.34 -15.89 -17.56
C GLU B 128 15.18 -16.15 -16.62
N GLU B 129 14.39 -15.13 -16.32
CA GLU B 129 13.22 -15.32 -15.46
C GLU B 129 12.14 -16.12 -16.17
N LEU B 130 11.96 -15.89 -17.48
CA LEU B 130 11.00 -16.65 -18.25
C LEU B 130 11.37 -18.13 -18.31
N GLN B 131 12.67 -18.43 -18.35
CA GLN B 131 13.12 -19.82 -18.29
C GLN B 131 12.84 -20.45 -16.94
N ALA B 132 12.74 -19.64 -15.88
CA ALA B 132 12.39 -20.12 -14.56
C ALA B 132 10.88 -20.19 -14.33
N ASN B 133 10.10 -20.24 -15.40
CA ASN B 133 8.65 -20.38 -15.33
C ASN B 133 8.01 -19.22 -14.55
N LYS B 134 8.56 -18.02 -14.71
CA LYS B 134 8.12 -16.85 -13.97
C LYS B 134 8.24 -15.61 -14.85
N ALA B 135 7.58 -14.53 -14.43
CA ALA B 135 7.67 -13.27 -15.15
C ALA B 135 7.44 -12.12 -14.16
N THR B 136 8.24 -11.06 -14.28
CA THR B 136 8.07 -9.88 -13.44
C THR B 136 8.39 -8.62 -14.24
N LEU B 137 7.49 -7.64 -14.18
CA LEU B 137 7.73 -6.32 -14.73
C LEU B 137 8.07 -5.36 -13.60
N VAL B 138 9.07 -4.52 -13.82
CA VAL B 138 9.58 -3.59 -12.81
C VAL B 138 9.31 -2.16 -13.29
N CYS B 139 8.61 -1.37 -12.48
CA CYS B 139 8.29 0.01 -12.82
C CYS B 139 8.92 0.92 -11.78
N LEU B 140 9.91 1.70 -12.20
CA LEU B 140 10.70 2.54 -11.31
C LEU B 140 10.26 4.00 -11.43
N ILE B 141 9.99 4.62 -10.29
CA ILE B 141 9.54 6.00 -10.20
C ILE B 141 10.55 6.77 -9.36
N SER B 142 10.91 7.98 -9.81
CA SER B 142 11.92 8.74 -9.07
C SER B 142 11.71 10.23 -9.27
N ASP B 143 12.33 11.00 -8.38
CA ASP B 143 12.46 12.46 -8.52
C ASP B 143 11.11 13.16 -8.50
N PHE B 144 10.25 12.78 -7.57
CA PHE B 144 8.93 13.40 -7.47
C PHE B 144 8.70 13.91 -6.06
N TYR B 145 7.93 15.00 -5.98
CA TYR B 145 7.58 15.66 -4.73
C TYR B 145 6.20 16.27 -4.90
N PRO B 146 5.30 16.12 -3.91
CA PRO B 146 5.48 15.39 -2.65
C PRO B 146 5.56 13.86 -2.82
N GLY B 147 5.77 13.16 -1.72
CA GLY B 147 5.96 11.72 -1.76
C GLY B 147 4.69 10.90 -1.79
N ALA B 148 4.01 10.89 -2.93
CA ALA B 148 2.78 10.11 -3.09
C ALA B 148 2.45 9.98 -4.56
N VAL B 149 2.21 8.75 -5.02
CA VAL B 149 1.82 8.47 -6.40
C VAL B 149 0.79 7.34 -6.39
N THR B 150 0.10 7.18 -7.52
CA THR B 150 -0.75 6.01 -7.75
C THR B 150 -0.23 5.28 -8.97
N VAL B 151 0.17 4.03 -8.79
CA VAL B 151 0.69 3.19 -9.86
C VAL B 151 -0.38 2.19 -10.25
N ALA B 152 -0.86 2.29 -11.48
CA ALA B 152 -1.89 1.42 -12.03
C ALA B 152 -1.37 0.70 -13.26
N TRP B 153 -1.49 -0.62 -13.28
CA TRP B 153 -1.01 -1.41 -14.40
C TRP B 153 -2.16 -1.77 -15.34
N LYS B 154 -1.83 -1.82 -16.63
CA LYS B 154 -2.79 -2.14 -17.68
C LYS B 154 -2.26 -3.30 -18.49
N ALA B 155 -3.17 -4.12 -19.02
CA ALA B 155 -2.85 -5.20 -19.94
C ALA B 155 -3.77 -5.04 -21.15
N ASP B 156 -3.21 -4.61 -22.27
CA ASP B 156 -3.99 -4.25 -23.46
C ASP B 156 -5.00 -3.16 -23.13
N SER B 157 -4.51 -2.08 -22.52
CA SER B 157 -5.28 -0.89 -22.17
C SER B 157 -6.42 -1.17 -21.19
N SER B 158 -6.51 -2.39 -20.64
CA SER B 158 -7.48 -2.70 -19.61
C SER B 158 -6.78 -2.94 -18.27
N PRO B 159 -7.38 -2.53 -17.16
CA PRO B 159 -6.67 -2.61 -15.87
C PRO B 159 -6.45 -4.04 -15.41
N VAL B 160 -5.38 -4.22 -14.64
CA VAL B 160 -4.93 -5.52 -14.16
C VAL B 160 -5.51 -5.78 -12.79
N LYS B 161 -5.96 -7.01 -12.55
CA LYS B 161 -6.65 -7.36 -11.32
C LYS B 161 -5.69 -7.50 -10.14
N ALA B 162 -4.77 -8.46 -10.21
CA ALA B 162 -3.87 -8.75 -9.11
C ALA B 162 -2.44 -8.86 -9.64
N GLY B 163 -1.51 -9.09 -8.72
CA GLY B 163 -0.10 -9.26 -9.05
C GLY B 163 0.77 -8.04 -8.83
N VAL B 164 0.19 -6.91 -8.45
CA VAL B 164 0.92 -5.65 -8.29
C VAL B 164 1.36 -5.49 -6.85
N GLU B 165 2.64 -5.15 -6.66
CA GLU B 165 3.18 -4.79 -5.35
C GLU B 165 3.93 -3.48 -5.49
N THR B 166 3.56 -2.48 -4.71
CA THR B 166 4.17 -1.17 -4.79
C THR B 166 4.76 -0.79 -3.44
N THR B 167 5.99 -0.26 -3.46
CA THR B 167 6.57 0.29 -2.24
C THR B 167 5.97 1.65 -1.92
N THR B 168 5.98 1.98 -0.65
CA THR B 168 5.66 3.34 -0.25
C THR B 168 6.79 4.28 -0.68
N PRO B 169 6.48 5.53 -1.03
CA PRO B 169 7.53 6.45 -1.47
C PRO B 169 8.54 6.73 -0.38
N SER B 170 9.80 6.85 -0.77
CA SER B 170 10.90 7.08 0.15
C SER B 170 11.78 8.21 -0.36
N LYS B 171 12.32 8.98 0.60
CA LYS B 171 13.03 10.21 0.29
C LYS B 171 14.49 9.91 -0.06
N GLN B 172 14.91 10.35 -1.25
CA GLN B 172 16.28 10.12 -1.70
C GLN B 172 17.17 11.29 -1.26
N SER B 173 18.38 11.36 -1.81
CA SER B 173 19.39 12.29 -1.30
C SER B 173 18.97 13.74 -1.49
N ASN B 174 18.29 14.05 -2.60
CA ASN B 174 17.96 15.44 -2.94
C ASN B 174 16.55 15.84 -2.51
N ASN B 175 16.05 15.23 -1.44
CA ASN B 175 14.79 15.63 -0.79
C ASN B 175 13.56 15.37 -1.66
N LYS B 176 13.74 14.76 -2.82
CA LYS B 176 12.60 14.26 -3.58
C LYS B 176 12.38 12.79 -3.20
N TYR B 177 11.40 12.17 -3.83
CA TYR B 177 11.00 10.83 -3.45
C TYR B 177 11.16 9.86 -4.61
N ALA B 178 11.21 8.57 -4.26
CA ALA B 178 11.31 7.49 -5.22
C ALA B 178 10.45 6.33 -4.74
N ALA B 179 10.11 5.44 -5.66
CA ALA B 179 9.32 4.26 -5.33
C ALA B 179 9.41 3.30 -6.50
N SER B 180 9.07 2.05 -6.23
CA SER B 180 9.06 1.02 -7.27
C SER B 180 7.79 0.18 -7.14
N SER B 181 7.35 -0.36 -8.27
CA SER B 181 6.22 -1.27 -8.32
C SER B 181 6.58 -2.46 -9.19
N TYR B 182 5.96 -3.60 -8.92
CA TYR B 182 6.26 -4.85 -9.59
C TYR B 182 4.95 -5.52 -10.00
N LEU B 183 4.94 -6.13 -11.18
CA LEU B 183 3.79 -6.91 -11.64
C LEU B 183 4.27 -8.33 -11.93
N SER B 184 3.77 -9.29 -11.15
CA SER B 184 4.15 -10.69 -11.30
C SER B 184 3.17 -11.40 -12.23
N LEU B 185 3.69 -12.02 -13.28
CA LEU B 185 2.90 -12.73 -14.27
C LEU B 185 3.47 -14.11 -14.49
N THR B 186 2.63 -14.99 -15.01
CA THR B 186 3.10 -16.26 -15.53
C THR B 186 3.56 -16.06 -16.98
N PRO B 187 4.52 -16.88 -17.44
CA PRO B 187 5.02 -16.73 -18.82
C PRO B 187 3.92 -16.68 -19.87
N GLU B 188 2.86 -17.49 -19.70
CA GLU B 188 1.76 -17.49 -20.65
C GLU B 188 1.04 -16.16 -20.67
N GLN B 189 0.79 -15.57 -19.49
CA GLN B 189 0.15 -14.26 -19.44
C GLN B 189 0.98 -13.21 -20.17
N TRP B 190 2.30 -13.24 -19.98
CA TRP B 190 3.17 -12.27 -20.63
C TRP B 190 3.11 -12.42 -22.15
N LYS B 191 3.42 -13.63 -22.65
CA LYS B 191 3.43 -13.84 -24.09
C LYS B 191 2.05 -13.68 -24.72
N SER B 192 0.98 -13.83 -23.93
CA SER B 192 -0.37 -13.81 -24.49
C SER B 192 -0.78 -12.41 -24.93
N HIS B 193 -0.79 -11.46 -24.00
CA HIS B 193 -1.34 -10.14 -24.28
C HIS B 193 -0.42 -9.36 -25.22
N ARG B 194 -0.98 -8.30 -25.82
CA ARG B 194 -0.24 -7.51 -26.79
C ARG B 194 0.77 -6.58 -26.11
N SER B 195 0.39 -5.98 -24.99
CA SER B 195 1.28 -5.08 -24.27
C SER B 195 0.94 -5.09 -22.79
N TYR B 196 1.82 -4.48 -22.01
CA TYR B 196 1.57 -4.19 -20.59
C TYR B 196 2.07 -2.79 -20.30
N SER B 197 1.32 -2.04 -19.49
CA SER B 197 1.57 -0.63 -19.28
C SER B 197 1.64 -0.32 -17.79
N CYS B 198 2.61 0.52 -17.41
CA CYS B 198 2.70 1.06 -16.06
C CYS B 198 2.32 2.53 -16.11
N GLN B 199 1.25 2.89 -15.40
CA GLN B 199 0.69 4.24 -15.42
C GLN B 199 0.84 4.86 -14.04
N VAL B 200 1.67 5.89 -13.94
CA VAL B 200 1.95 6.58 -12.68
C VAL B 200 1.24 7.92 -12.68
N THR B 201 0.49 8.20 -11.62
CA THR B 201 -0.29 9.42 -11.47
C THR B 201 0.21 10.20 -10.26
N HIS B 202 0.40 11.51 -10.46
CA HIS B 202 1.02 12.36 -9.44
C HIS B 202 0.61 13.80 -9.69
N GLU B 203 -0.21 14.35 -8.78
CA GLU B 203 -0.59 15.77 -8.76
C GLU B 203 -0.96 16.30 -10.15
N GLY B 204 -1.94 15.66 -10.75
CA GLY B 204 -2.43 16.12 -12.03
C GLY B 204 -1.42 16.03 -13.15
N SER B 205 -0.44 15.14 -13.05
CA SER B 205 0.37 14.74 -14.19
C SER B 205 0.44 13.23 -14.23
N THR B 206 0.38 12.66 -15.43
CA THR B 206 0.33 11.22 -15.63
C THR B 206 1.42 10.80 -16.60
N VAL B 207 2.23 9.82 -16.20
CA VAL B 207 3.28 9.28 -17.05
C VAL B 207 3.03 7.78 -17.21
N GLU B 208 2.91 7.34 -18.45
CA GLU B 208 2.59 5.95 -18.76
C GLU B 208 3.64 5.37 -19.68
N LYS B 209 4.23 4.24 -19.29
CA LYS B 209 5.17 3.51 -20.12
C LYS B 209 4.57 2.15 -20.48
N THR B 210 5.12 1.54 -21.52
CA THR B 210 4.56 0.30 -22.05
C THR B 210 5.68 -0.59 -22.57
N VAL B 211 5.54 -1.90 -22.37
CA VAL B 211 6.46 -2.88 -22.94
C VAL B 211 5.65 -4.02 -23.54
N ALA B 212 6.29 -4.76 -24.44
CA ALA B 212 5.63 -5.79 -25.23
C ALA B 212 6.55 -7.00 -25.35
N PRO B 213 5.98 -8.20 -25.51
CA PRO B 213 6.85 -9.39 -25.64
C PRO B 213 7.61 -9.42 -26.95
N THR B 214 6.96 -9.04 -28.05
CA THR B 214 7.60 -9.07 -29.36
C THR B 214 8.53 -7.87 -29.56
#